data_4H20
#
_entry.id   4H20
#
_cell.length_a   39.640
_cell.length_b   85.930
_cell.length_c   130.070
_cell.angle_alpha   90.00
_cell.angle_beta   90.00
_cell.angle_gamma   90.00
#
_symmetry.space_group_name_H-M   'P 21 21 21'
#
loop_
_entity.id
_entity.type
_entity.pdbx_description
1 polymer 'Light chain of Fab Fragment from the  anti-Ricin Monoclonal Antibody RAC18'
2 polymer 'Heavy chain of Fab Fragment from the  anti-Ricin Monoclonal Antibody RAC18'
3 water water
#
loop_
_entity_poly.entity_id
_entity_poly.type
_entity_poly.pdbx_seq_one_letter_code
_entity_poly.pdbx_strand_id
1 'polypeptide(L)'
;DIVMTQSHKFMSTSVGDRVSITCKASQDVTSAVAWFQQKPGQSPKLLIYSASYRYTGVPDRFTGSGSGTDFTFTISSVQA
EDLAVYYCQQHYGTPLTFGAGTKLELKRADAAPTVSIFPPSSEQLTSGGASVVCFLNNFYPKDINVKWKIDGSERQNGVL
NSWTDQDSKDSTYSMSSTLTLTKDEYERHNSYTCEATHKTSTSPIVKSFNRNEC
;
L
2 'polypeptide(L)'
;EVQLQQSGPVLVKPGASVKMSCKASGYTFTDYYVNWVKQSRGKSLEWLGLIIPSNGGTTYNQKFRGKATLTVDKSSSTAY
MELNSLTSEDSAVYYCARRGLTGALFAYWGQGTLVTVSAAKTTAPSVYPLAPVCGDTTGSSVTLGCLVKGYFPEPVTLTW
NSGSLSSGVHTFPALLQSDLYTLSSSVTVTSSTWPSQSITCNVAHPASSTKVDKKIVPRV
;
H
#
# COMPACT_ATOMS: atom_id res chain seq x y z
N ASP A 1 10.39 24.99 -4.72
CA ASP A 1 9.16 24.16 -4.55
C ASP A 1 8.66 24.24 -3.11
N ILE A 2 7.41 24.63 -2.92
CA ILE A 2 6.85 24.75 -1.57
C ILE A 2 6.54 23.37 -0.98
N VAL A 3 7.05 23.14 0.23
CA VAL A 3 6.83 21.87 0.91
C VAL A 3 5.73 21.98 1.93
N MET A 4 4.80 21.03 1.91
CA MET A 4 3.69 21.00 2.85
C MET A 4 3.97 19.83 3.79
N THR A 5 4.17 20.13 5.07
CA THR A 5 4.46 19.10 6.07
C THR A 5 3.26 18.88 6.98
N GLN A 6 2.82 17.63 7.12
CA GLN A 6 1.67 17.33 7.97
C GLN A 6 2.15 16.95 9.37
N SER A 7 1.28 17.14 10.36
CA SER A 7 1.61 16.89 11.76
C SER A 7 2.06 15.47 12.12
N HIS A 8 1.45 14.46 11.50
CA HIS A 8 1.80 13.07 11.80
C HIS A 8 1.60 12.17 10.59
N LYS A 9 2.23 11.00 10.59
CA LYS A 9 2.08 10.03 9.51
C LYS A 9 0.84 9.20 9.87
N PHE A 10 0.70 8.95 11.17
CA PHE A 10 -0.41 8.17 11.70
C PHE A 10 -0.99 8.85 12.93
N MET A 11 -2.30 8.74 13.09
CA MET A 11 -2.98 9.30 14.25
C MET A 11 -4.04 8.30 14.70
N SER A 12 -4.15 8.09 16.00
CA SER A 12 -5.13 7.16 16.54
C SER A 12 -6.26 7.94 17.21
N THR A 13 -7.49 7.50 16.97
CA THR A 13 -8.65 8.16 17.55
C THR A 13 -9.75 7.16 17.86
N SER A 14 -10.83 7.63 18.47
CA SER A 14 -11.95 6.78 18.81
C SER A 14 -13.22 7.40 18.25
N VAL A 15 -14.19 6.57 17.87
CA VAL A 15 -15.43 7.10 17.34
C VAL A 15 -16.02 8.07 18.37
N GLY A 16 -16.45 9.24 17.90
CA GLY A 16 -17.02 10.22 18.80
C GLY A 16 -16.01 11.24 19.29
N ASP A 17 -14.73 10.99 19.04
CA ASP A 17 -13.68 11.92 19.47
C ASP A 17 -13.47 13.06 18.48
N ARG A 18 -12.82 14.12 18.96
CA ARG A 18 -12.51 15.28 18.14
C ARG A 18 -11.05 15.11 17.74
N VAL A 19 -10.76 15.24 16.46
CA VAL A 19 -9.39 15.08 15.99
C VAL A 19 -9.00 16.20 15.05
N SER A 20 -7.72 16.61 15.13
CA SER A 20 -7.21 17.68 14.28
C SER A 20 -5.88 17.29 13.65
N ILE A 21 -5.74 17.64 12.38
CA ILE A 21 -4.51 17.37 11.64
C ILE A 21 -4.02 18.73 11.20
N THR A 22 -2.72 18.98 11.31
CA THR A 22 -2.19 20.26 10.87
C THR A 22 -1.20 20.07 9.73
N CYS A 23 -0.94 21.16 9.03
CA CYS A 23 -0.01 21.20 7.92
C CYS A 23 0.71 22.52 7.93
N LYS A 24 2.01 22.46 7.65
CA LYS A 24 2.85 23.66 7.61
C LYS A 24 3.44 23.85 6.21
N ALA A 25 3.29 25.06 5.68
CA ALA A 25 3.84 25.39 4.37
C ALA A 25 5.23 25.99 4.60
N SER A 26 6.19 25.64 3.73
CA SER A 26 7.54 26.15 3.87
C SER A 26 7.60 27.62 3.49
N GLN A 27 6.53 28.09 2.84
CA GLN A 27 6.42 29.49 2.41
C GLN A 27 4.97 29.93 2.54
N ASP A 28 4.75 31.24 2.64
CA ASP A 28 3.39 31.77 2.73
C ASP A 28 2.59 31.39 1.48
N VAL A 29 1.42 30.79 1.70
CA VAL A 29 0.57 30.37 0.59
C VAL A 29 -0.82 30.97 0.77
N THR A 30 -0.91 32.04 1.56
CA THR A 30 -2.16 32.71 1.86
C THR A 30 -3.18 31.66 2.31
N SER A 31 -4.34 31.61 1.67
CA SER A 31 -5.35 30.60 2.04
C SER A 31 -5.59 29.62 0.91
N ALA A 32 -4.59 29.44 0.05
CA ALA A 32 -4.73 28.52 -1.07
C ALA A 32 -4.34 27.10 -0.63
N VAL A 33 -5.15 26.54 0.26
CA VAL A 33 -4.91 25.20 0.79
C VAL A 33 -6.20 24.38 0.76
N ALA A 34 -6.05 23.09 0.44
CA ALA A 34 -7.19 22.19 0.38
C ALA A 34 -6.88 20.92 1.13
N TRP A 35 -7.94 20.24 1.58
CA TRP A 35 -7.78 18.99 2.32
C TRP A 35 -8.56 17.88 1.61
N PHE A 36 -7.89 16.75 1.42
CA PHE A 36 -8.49 15.60 0.74
C PHE A 36 -8.50 14.38 1.64
N GLN A 37 -9.46 13.50 1.37
CA GLN A 37 -9.60 12.25 2.09
C GLN A 37 -9.47 11.14 1.05
N GLN A 38 -8.73 10.08 1.37
CA GLN A 38 -8.56 8.99 0.42
C GLN A 38 -8.63 7.64 1.11
N LYS A 39 -9.44 6.75 0.53
CA LYS A 39 -9.61 5.39 1.04
C LYS A 39 -8.88 4.45 0.10
N PRO A 40 -8.47 3.28 0.59
CA PRO A 40 -7.76 2.33 -0.27
C PRO A 40 -8.53 2.01 -1.55
N GLY A 41 -7.82 2.04 -2.68
CA GLY A 41 -8.44 1.73 -3.96
C GLY A 41 -9.30 2.83 -4.55
N GLN A 42 -9.44 3.95 -3.83
CA GLN A 42 -10.24 5.06 -4.32
C GLN A 42 -9.42 6.30 -4.59
N SER A 43 -10.00 7.23 -5.33
CA SER A 43 -9.34 8.48 -5.66
C SER A 43 -9.52 9.43 -4.48
N PRO A 44 -8.63 10.42 -4.35
CA PRO A 44 -8.77 11.37 -3.24
C PRO A 44 -10.11 12.07 -3.39
N LYS A 45 -10.63 12.61 -2.30
CA LYS A 45 -11.91 13.33 -2.32
C LYS A 45 -11.73 14.68 -1.63
N LEU A 46 -12.19 15.74 -2.29
CA LEU A 46 -12.07 17.09 -1.74
C LEU A 46 -13.05 17.32 -0.60
N LEU A 47 -12.52 17.77 0.54
CA LEU A 47 -13.35 18.04 1.71
C LEU A 47 -13.39 19.53 2.04
N ILE A 48 -12.21 20.14 2.14
CA ILE A 48 -12.09 21.55 2.45
C ILE A 48 -11.26 22.25 1.37
N TYR A 49 -11.71 23.41 0.91
CA TYR A 49 -10.95 24.15 -0.10
C TYR A 49 -10.77 25.60 0.35
N SER A 50 -9.77 26.27 -0.21
CA SER A 50 -9.46 27.64 0.16
C SER A 50 -9.35 27.75 1.68
N ALA A 51 -8.68 26.76 2.26
CA ALA A 51 -8.41 26.67 3.69
C ALA A 51 -9.55 26.47 4.68
N SER A 52 -10.71 27.05 4.42
CA SER A 52 -11.81 26.93 5.39
C SER A 52 -13.21 26.66 4.88
N TYR A 53 -13.37 26.45 3.59
CA TYR A 53 -14.71 26.20 3.04
C TYR A 53 -14.98 24.73 2.73
N ARG A 54 -16.12 24.23 3.22
CA ARG A 54 -16.50 22.84 2.97
C ARG A 54 -16.96 22.70 1.53
N TYR A 55 -16.54 21.63 0.88
CA TYR A 55 -16.98 21.41 -0.50
C TYR A 55 -18.41 20.89 -0.45
N THR A 56 -19.09 20.94 -1.59
CA THR A 56 -20.47 20.48 -1.68
C THR A 56 -20.66 19.07 -1.14
N GLY A 57 -21.67 18.89 -0.30
CA GLY A 57 -21.95 17.58 0.25
C GLY A 57 -21.12 17.13 1.44
N VAL A 58 -20.06 17.85 1.77
CA VAL A 58 -19.20 17.48 2.89
C VAL A 58 -19.90 17.74 4.23
N PRO A 59 -19.96 16.71 5.10
CA PRO A 59 -20.59 16.78 6.43
C PRO A 59 -20.08 17.93 7.29
N ASP A 60 -20.93 18.44 8.17
CA ASP A 60 -20.56 19.52 9.06
C ASP A 60 -19.43 19.21 10.03
N ARG A 61 -19.18 17.94 10.29
CA ARG A 61 -18.12 17.58 11.23
C ARG A 61 -16.72 17.93 10.71
N PHE A 62 -16.64 18.24 9.42
CA PHE A 62 -15.37 18.60 8.81
C PHE A 62 -15.22 20.11 8.67
N THR A 63 -14.11 20.63 9.16
CA THR A 63 -13.82 22.05 9.09
C THR A 63 -12.32 22.25 8.93
N GLY A 64 -11.93 23.46 8.59
CA GLY A 64 -10.52 23.78 8.44
C GLY A 64 -10.33 25.27 8.62
N SER A 65 -9.10 25.68 8.93
CA SER A 65 -8.83 27.11 9.08
C SER A 65 -7.34 27.33 8.84
N GLY A 66 -6.96 28.59 8.69
CA GLY A 66 -5.56 28.93 8.48
C GLY A 66 -5.34 29.86 7.30
N SER A 67 -4.26 30.62 7.39
CA SER A 67 -3.86 31.55 6.35
C SER A 67 -2.38 31.86 6.56
N GLY A 68 -1.58 31.67 5.52
CA GLY A 68 -0.16 31.93 5.64
C GLY A 68 0.64 30.64 5.53
N THR A 69 1.07 30.10 6.66
CA THR A 69 1.88 28.88 6.66
C THR A 69 1.34 27.74 7.51
N ASP A 70 0.43 28.05 8.44
CA ASP A 70 -0.11 27.06 9.34
C ASP A 70 -1.61 26.79 9.18
N PHE A 71 -1.95 25.55 8.85
CA PHE A 71 -3.33 25.18 8.62
C PHE A 71 -3.80 24.00 9.46
N THR A 72 -5.09 23.98 9.75
CA THR A 72 -5.68 22.94 10.56
C THR A 72 -6.90 22.33 9.88
N PHE A 73 -7.06 21.02 10.01
CA PHE A 73 -8.21 20.29 9.47
C PHE A 73 -8.78 19.60 10.70
N THR A 74 -10.07 19.74 10.93
CA THR A 74 -10.68 19.12 12.10
C THR A 74 -11.95 18.31 11.83
N ILE A 75 -12.09 17.21 12.55
CA ILE A 75 -13.28 16.37 12.49
C ILE A 75 -13.82 16.55 13.90
N SER A 76 -14.96 17.21 14.04
CA SER A 76 -15.53 17.47 15.37
C SER A 76 -15.91 16.22 16.16
N SER A 77 -16.35 15.19 15.45
CA SER A 77 -16.75 13.94 16.07
C SER A 77 -16.55 12.81 15.07
N VAL A 78 -15.42 12.13 15.19
CA VAL A 78 -15.08 11.04 14.29
C VAL A 78 -16.10 9.92 14.19
N GLN A 79 -16.37 9.50 12.96
CA GLN A 79 -17.29 8.38 12.72
C GLN A 79 -16.43 7.29 12.10
N ALA A 80 -16.89 6.04 12.21
CA ALA A 80 -16.13 4.91 11.68
C ALA A 80 -15.67 5.09 10.24
N GLU A 81 -16.54 5.63 9.40
CA GLU A 81 -16.21 5.83 7.99
C GLU A 81 -15.16 6.91 7.75
N ASP A 82 -14.73 7.60 8.80
CA ASP A 82 -13.72 8.64 8.65
C ASP A 82 -12.29 8.13 8.74
N LEU A 83 -12.11 6.85 9.04
CA LEU A 83 -10.77 6.29 9.12
C LEU A 83 -10.24 6.22 7.70
N ALA A 84 -9.23 7.03 7.41
CA ALA A 84 -8.65 7.09 6.07
C ALA A 84 -7.40 7.95 6.08
N VAL A 85 -6.84 8.20 4.90
CA VAL A 85 -5.66 9.05 4.79
C VAL A 85 -6.09 10.44 4.37
N TYR A 86 -5.58 11.46 5.07
CA TYR A 86 -5.91 12.84 4.78
C TYR A 86 -4.68 13.57 4.27
N TYR A 87 -4.86 14.37 3.24
CA TYR A 87 -3.76 15.12 2.62
C TYR A 87 -4.08 16.59 2.52
N CYS A 88 -3.07 17.43 2.75
CA CYS A 88 -3.27 18.87 2.57
C CYS A 88 -2.55 19.16 1.27
N GLN A 89 -2.86 20.31 0.69
CA GLN A 89 -2.26 20.71 -0.56
C GLN A 89 -2.25 22.23 -0.67
N GLN A 90 -1.26 22.79 -1.35
CA GLN A 90 -1.21 24.24 -1.55
C GLN A 90 -1.19 24.50 -3.05
N HIS A 91 -1.89 25.55 -3.47
CA HIS A 91 -1.92 25.90 -4.89
C HIS A 91 -1.65 27.38 -5.11
N TYR A 92 -0.90 27.97 -4.20
CA TYR A 92 -0.51 29.37 -4.30
C TYR A 92 0.69 29.49 -5.22
N GLY A 93 1.66 28.60 -5.02
CA GLY A 93 2.86 28.63 -5.84
C GLY A 93 2.80 27.62 -6.97
N THR A 94 3.88 27.55 -7.74
CA THR A 94 3.96 26.61 -8.85
C THR A 94 5.26 25.84 -8.68
N PRO A 95 5.19 24.50 -8.74
CA PRO A 95 3.96 23.74 -8.94
C PRO A 95 3.16 23.60 -7.64
N LEU A 96 1.87 23.33 -7.77
CA LEU A 96 1.06 23.14 -6.58
C LEU A 96 1.60 21.85 -5.97
N THR A 97 1.52 21.71 -4.65
CA THR A 97 2.06 20.53 -3.97
C THR A 97 1.18 19.96 -2.87
N PHE A 98 1.38 18.68 -2.58
CA PHE A 98 0.63 17.97 -1.54
C PHE A 98 1.52 17.57 -0.38
N GLY A 99 0.91 17.46 0.81
CA GLY A 99 1.64 16.99 1.97
C GLY A 99 1.77 15.49 1.79
N ALA A 100 2.51 14.82 2.67
CA ALA A 100 2.73 13.38 2.55
C ALA A 100 1.57 12.52 3.07
N GLY A 101 0.59 13.15 3.71
CA GLY A 101 -0.55 12.40 4.20
C GLY A 101 -0.49 11.99 5.66
N THR A 102 -1.67 11.87 6.26
CA THR A 102 -1.81 11.47 7.65
C THR A 102 -2.90 10.41 7.69
N LYS A 103 -2.56 9.22 8.18
CA LYS A 103 -3.53 8.13 8.24
C LYS A 103 -4.21 8.09 9.60
N LEU A 104 -5.52 8.29 9.59
CA LEU A 104 -6.32 8.27 10.80
C LEU A 104 -6.72 6.83 11.07
N GLU A 105 -6.30 6.31 12.23
CA GLU A 105 -6.59 4.92 12.60
C GLU A 105 -7.40 4.81 13.89
N LEU A 106 -7.97 3.63 14.13
CA LEU A 106 -8.80 3.41 15.32
C LEU A 106 -8.05 2.84 16.53
N LYS A 107 -8.28 3.46 17.68
CA LYS A 107 -7.66 3.04 18.92
C LYS A 107 -8.33 1.77 19.47
N ARG A 108 -7.53 0.90 20.09
CA ARG A 108 -8.04 -0.33 20.69
C ARG A 108 -7.05 -0.73 21.79
N ALA A 109 -7.43 -1.71 22.60
CA ALA A 109 -6.56 -2.17 23.69
C ALA A 109 -5.27 -2.77 23.13
N ASP A 110 -4.17 -2.59 23.86
CA ASP A 110 -2.90 -3.14 23.42
C ASP A 110 -2.99 -4.65 23.32
N ALA A 111 -2.31 -5.22 22.34
CA ALA A 111 -2.31 -6.66 22.11
C ALA A 111 -0.94 -7.13 21.69
N ALA A 112 -0.41 -8.14 22.37
CA ALA A 112 0.89 -8.69 22.05
C ALA A 112 0.78 -9.48 20.74
N PRO A 113 1.84 -9.49 19.93
CA PRO A 113 1.79 -10.22 18.66
C PRO A 113 1.88 -11.73 18.84
N THR A 114 1.29 -12.48 17.92
CA THR A 114 1.36 -13.93 17.94
C THR A 114 2.49 -14.19 16.96
N VAL A 115 3.58 -14.76 17.46
CA VAL A 115 4.77 -15.00 16.63
C VAL A 115 4.98 -16.47 16.26
N SER A 116 5.27 -16.69 14.98
CA SER A 116 5.49 -18.05 14.46
C SER A 116 6.67 -18.00 13.48
N ILE A 117 7.57 -18.98 13.58
CA ILE A 117 8.72 -19.02 12.69
C ILE A 117 8.66 -20.24 11.80
N PHE A 118 9.10 -20.08 10.56
CA PHE A 118 9.03 -21.15 9.58
C PHE A 118 10.33 -21.41 8.82
N PRO A 119 10.90 -22.62 8.96
CA PRO A 119 12.14 -22.98 8.26
C PRO A 119 11.82 -23.03 6.77
N PRO A 120 12.85 -23.02 5.90
CA PRO A 120 12.64 -23.08 4.45
C PRO A 120 11.87 -24.34 4.07
N SER A 121 11.02 -24.24 3.05
CA SER A 121 10.29 -25.41 2.59
C SER A 121 11.30 -26.28 1.84
N SER A 122 11.11 -27.59 1.91
CA SER A 122 11.99 -28.53 1.22
C SER A 122 12.04 -28.20 -0.27
N GLU A 123 10.90 -27.79 -0.83
CA GLU A 123 10.84 -27.48 -2.24
C GLU A 123 11.71 -26.30 -2.64
N GLN A 124 11.80 -25.30 -1.76
CA GLN A 124 12.62 -24.14 -2.07
C GLN A 124 14.10 -24.48 -2.07
N LEU A 125 14.51 -25.34 -1.14
CA LEU A 125 15.92 -25.70 -1.07
C LEU A 125 16.43 -26.37 -2.34
N THR A 126 15.56 -27.12 -3.01
CA THR A 126 15.95 -27.80 -4.25
C THR A 126 16.29 -26.79 -5.34
N SER A 127 15.93 -25.54 -5.11
CA SER A 127 16.21 -24.48 -6.08
C SER A 127 17.40 -23.63 -5.62
N GLY A 128 18.02 -24.00 -4.51
CA GLY A 128 19.17 -23.26 -4.01
C GLY A 128 18.90 -22.07 -3.12
N GLY A 129 17.63 -21.79 -2.84
CA GLY A 129 17.28 -20.68 -1.98
C GLY A 129 16.83 -21.15 -0.62
N ALA A 130 16.90 -20.27 0.38
CA ALA A 130 16.49 -20.63 1.73
C ALA A 130 15.88 -19.43 2.44
N SER A 131 14.56 -19.37 2.46
CA SER A 131 13.85 -18.29 3.10
C SER A 131 13.29 -18.74 4.45
N VAL A 132 13.59 -17.98 5.50
CA VAL A 132 13.08 -18.28 6.83
C VAL A 132 12.04 -17.20 7.08
N VAL A 133 10.80 -17.61 7.34
CA VAL A 133 9.72 -16.66 7.55
C VAL A 133 9.25 -16.58 8.98
N CYS A 134 8.98 -15.36 9.42
CA CYS A 134 8.51 -15.10 10.77
C CYS A 134 7.26 -14.24 10.67
N PHE A 135 6.14 -14.72 11.20
CA PHE A 135 4.91 -13.95 11.19
C PHE A 135 4.66 -13.38 12.58
N LEU A 136 4.32 -12.10 12.66
CA LEU A 136 4.03 -11.45 13.93
C LEU A 136 2.65 -10.88 13.68
N ASN A 137 1.64 -11.61 14.13
CA ASN A 137 0.26 -11.23 13.86
C ASN A 137 -0.63 -10.71 14.98
N ASN A 138 -1.59 -9.90 14.55
CA ASN A 138 -2.61 -9.31 15.41
C ASN A 138 -2.11 -8.59 16.65
N PHE A 139 -1.25 -7.59 16.46
CA PHE A 139 -0.73 -6.82 17.59
C PHE A 139 -1.17 -5.37 17.53
N TYR A 140 -1.04 -4.68 18.66
CA TYR A 140 -1.41 -3.27 18.76
C TYR A 140 -0.73 -2.68 19.99
N PRO A 141 -0.16 -1.47 19.87
CA PRO A 141 -0.12 -0.63 18.67
C PRO A 141 0.80 -1.15 17.56
N LYS A 142 0.89 -0.39 16.47
CA LYS A 142 1.68 -0.77 15.30
C LYS A 142 3.19 -0.81 15.55
N ASP A 143 3.65 -0.05 16.53
CA ASP A 143 5.07 0.00 16.85
C ASP A 143 5.64 -1.35 17.25
N ILE A 144 6.65 -1.81 16.52
CA ILE A 144 7.25 -3.11 16.83
C ILE A 144 8.65 -3.24 16.24
N ASN A 145 9.49 -4.03 16.90
CA ASN A 145 10.85 -4.23 16.45
C ASN A 145 11.18 -5.71 16.33
N VAL A 146 11.60 -6.12 15.14
CA VAL A 146 11.95 -7.51 14.91
C VAL A 146 13.41 -7.59 14.50
N LYS A 147 14.12 -8.54 15.10
CA LYS A 147 15.52 -8.73 14.77
C LYS A 147 15.78 -10.21 14.64
N TRP A 148 16.62 -10.57 13.67
CA TRP A 148 16.96 -11.96 13.46
C TRP A 148 18.30 -12.28 14.10
N LYS A 149 18.40 -13.48 14.64
CA LYS A 149 19.64 -13.94 15.26
C LYS A 149 19.97 -15.32 14.76
N ILE A 150 21.20 -15.46 14.26
CA ILE A 150 21.69 -16.73 13.74
C ILE A 150 22.81 -17.18 14.66
N ASP A 151 22.62 -18.31 15.32
CA ASP A 151 23.62 -18.84 16.23
C ASP A 151 24.07 -17.75 17.20
N GLY A 152 23.10 -16.94 17.66
CA GLY A 152 23.41 -15.89 18.61
C GLY A 152 23.82 -14.54 18.06
N SER A 153 24.13 -14.47 16.78
CA SER A 153 24.55 -13.21 16.17
C SER A 153 23.39 -12.55 15.43
N GLU A 154 23.27 -11.23 15.56
CA GLU A 154 22.21 -10.50 14.90
C GLU A 154 22.47 -10.37 13.40
N ARG A 155 21.44 -10.63 12.61
CA ARG A 155 21.54 -10.56 11.15
C ARG A 155 20.53 -9.57 10.59
N GLN A 156 21.02 -8.63 9.78
CA GLN A 156 20.15 -7.63 9.18
C GLN A 156 20.14 -7.76 7.66
N ASN A 157 21.24 -8.26 7.12
CA ASN A 157 21.36 -8.45 5.68
C ASN A 157 20.46 -9.58 5.20
N GLY A 158 19.69 -9.33 4.15
CA GLY A 158 18.80 -10.35 3.61
C GLY A 158 17.41 -10.40 4.23
N VAL A 159 17.08 -9.42 5.07
CA VAL A 159 15.78 -9.38 5.71
C VAL A 159 14.83 -8.38 5.07
N LEU A 160 13.63 -8.84 4.73
CA LEU A 160 12.61 -7.99 4.13
C LEU A 160 11.32 -8.09 4.95
N ASN A 161 10.76 -6.94 5.28
CA ASN A 161 9.54 -6.87 6.08
C ASN A 161 8.35 -6.34 5.30
N SER A 162 7.17 -6.86 5.59
CA SER A 162 5.95 -6.42 4.94
C SER A 162 4.88 -6.29 6.01
N TRP A 163 4.09 -5.22 5.93
CA TRP A 163 3.05 -4.94 6.92
C TRP A 163 1.67 -4.79 6.29
N THR A 164 0.64 -5.20 7.02
CA THR A 164 -0.73 -5.07 6.57
C THR A 164 -1.26 -3.77 7.21
N ASP A 165 -2.26 -3.15 6.58
CA ASP A 165 -2.83 -1.93 7.15
C ASP A 165 -3.68 -2.36 8.35
N GLN A 166 -4.02 -1.42 9.22
CA GLN A 166 -4.84 -1.77 10.37
C GLN A 166 -6.05 -2.57 9.91
N ASP A 167 -6.30 -3.70 10.57
CA ASP A 167 -7.41 -4.56 10.19
C ASP A 167 -8.73 -3.85 10.46
N SER A 168 -9.66 -3.97 9.51
CA SER A 168 -10.97 -3.34 9.62
C SER A 168 -11.87 -4.01 10.64
N LYS A 169 -11.58 -5.27 10.96
CA LYS A 169 -12.40 -6.02 11.91
C LYS A 169 -11.95 -5.89 13.37
N ASP A 170 -10.70 -6.25 13.67
CA ASP A 170 -10.21 -6.18 15.03
C ASP A 170 -9.23 -5.04 15.33
N SER A 171 -9.06 -4.13 14.37
CA SER A 171 -8.17 -2.99 14.55
C SER A 171 -6.72 -3.30 14.91
N THR A 172 -6.26 -4.51 14.59
CA THR A 172 -4.89 -4.89 14.91
C THR A 172 -3.99 -4.77 13.68
N TYR A 173 -2.69 -4.98 13.88
CA TYR A 173 -1.72 -4.93 12.81
C TYR A 173 -1.02 -6.26 12.71
N SER A 174 -0.51 -6.58 11.54
CA SER A 174 0.22 -7.82 11.34
C SER A 174 1.45 -7.54 10.50
N MET A 175 2.47 -8.36 10.69
CA MET A 175 3.73 -8.17 9.99
C MET A 175 4.36 -9.50 9.62
N SER A 176 5.11 -9.49 8.52
CA SER A 176 5.82 -10.67 8.06
C SER A 176 7.26 -10.24 7.84
N SER A 177 8.19 -11.00 8.41
CA SER A 177 9.62 -10.71 8.26
C SER A 177 10.24 -11.94 7.63
N THR A 178 10.97 -11.75 6.54
CA THR A 178 11.60 -12.86 5.85
C THR A 178 13.10 -12.69 5.68
N LEU A 179 13.85 -13.68 6.19
CA LEU A 179 15.30 -13.68 6.08
C LEU A 179 15.63 -14.65 4.96
N THR A 180 16.18 -14.14 3.87
CA THR A 180 16.52 -15.00 2.75
C THR A 180 18.02 -15.12 2.55
N LEU A 181 18.50 -16.36 2.53
CA LEU A 181 19.89 -16.66 2.32
C LEU A 181 19.91 -17.78 1.29
N THR A 182 21.10 -18.16 0.85
CA THR A 182 21.20 -19.25 -0.10
C THR A 182 21.16 -20.54 0.71
N LYS A 183 20.88 -21.65 0.05
CA LYS A 183 20.87 -22.94 0.72
C LYS A 183 22.26 -23.20 1.29
N ASP A 184 23.28 -22.87 0.49
CA ASP A 184 24.68 -23.07 0.89
C ASP A 184 24.95 -22.42 2.24
N GLU A 185 24.56 -21.15 2.40
CA GLU A 185 24.79 -20.43 3.65
C GLU A 185 23.87 -20.89 4.78
N TYR A 186 22.61 -21.16 4.45
CA TYR A 186 21.64 -21.62 5.43
C TYR A 186 22.12 -22.91 6.09
N GLU A 187 22.76 -23.78 5.30
CA GLU A 187 23.26 -25.06 5.79
C GLU A 187 24.56 -24.95 6.59
N ARG A 188 25.00 -23.72 6.88
CA ARG A 188 26.23 -23.55 7.63
C ARG A 188 25.99 -22.87 8.98
N HIS A 189 24.71 -22.78 9.36
CA HIS A 189 24.30 -22.20 10.63
C HIS A 189 23.32 -23.17 11.28
N ASN A 190 23.29 -23.21 12.60
CA ASN A 190 22.39 -24.13 13.28
C ASN A 190 21.11 -23.51 13.84
N SER A 191 21.25 -22.53 14.73
CA SER A 191 20.08 -21.90 15.35
C SER A 191 19.60 -20.61 14.67
N TYR A 192 18.30 -20.58 14.34
CA TYR A 192 17.68 -19.43 13.72
C TYR A 192 16.62 -18.84 14.63
N THR A 193 16.70 -17.54 14.87
CA THR A 193 15.76 -16.87 15.76
C THR A 193 15.23 -15.53 15.28
N CYS A 194 13.95 -15.31 15.56
CA CYS A 194 13.22 -14.10 15.22
C CYS A 194 12.62 -13.64 16.55
N GLU A 195 13.10 -12.52 17.08
CA GLU A 195 12.54 -12.05 18.34
C GLU A 195 11.85 -10.71 18.12
N ALA A 196 10.67 -10.58 18.70
CA ALA A 196 9.88 -9.36 18.56
C ALA A 196 9.84 -8.55 19.84
N THR A 197 10.04 -7.24 19.72
CA THR A 197 10.00 -6.33 20.84
C THR A 197 8.77 -5.44 20.66
N HIS A 198 7.86 -5.50 21.62
CA HIS A 198 6.62 -4.73 21.57
C HIS A 198 6.33 -4.19 22.97
N LYS A 199 5.73 -3.00 23.05
CA LYS A 199 5.44 -2.36 24.33
C LYS A 199 4.65 -3.23 25.30
N THR A 200 3.88 -4.17 24.77
CA THR A 200 3.08 -5.04 25.60
C THR A 200 3.90 -5.89 26.57
N SER A 201 5.22 -5.86 26.41
CA SER A 201 6.11 -6.62 27.28
C SER A 201 7.53 -6.09 27.28
N THR A 202 8.17 -6.14 28.45
CA THR A 202 9.55 -5.67 28.58
C THR A 202 10.49 -6.70 27.99
N SER A 203 10.04 -7.95 27.96
CA SER A 203 10.83 -9.05 27.41
C SER A 203 10.39 -9.39 26.00
N PRO A 204 11.35 -9.71 25.12
CA PRO A 204 11.05 -10.06 23.73
C PRO A 204 10.37 -11.41 23.58
N ILE A 205 9.54 -11.54 22.55
CA ILE A 205 8.89 -12.82 22.27
C ILE A 205 9.87 -13.48 21.34
N VAL A 206 10.37 -14.64 21.73
CA VAL A 206 11.37 -15.34 20.93
C VAL A 206 10.89 -16.67 20.36
N LYS A 207 11.02 -16.82 19.04
CA LYS A 207 10.65 -18.04 18.36
C LYS A 207 11.89 -18.53 17.64
N SER A 208 12.24 -19.79 17.84
CA SER A 208 13.44 -20.34 17.21
C SER A 208 13.35 -21.79 16.83
N PHE A 209 14.35 -22.24 16.10
CA PHE A 209 14.46 -23.62 15.69
C PHE A 209 15.91 -23.91 15.35
N ASN A 210 16.30 -25.18 15.41
CA ASN A 210 17.65 -25.58 15.06
C ASN A 210 17.54 -26.38 13.77
N ARG A 211 18.32 -26.00 12.76
CA ARG A 211 18.28 -26.67 11.47
C ARG A 211 18.43 -28.19 11.58
N ASN A 212 17.57 -28.92 10.86
CA ASN A 212 17.61 -30.37 10.83
C ASN A 212 17.24 -31.06 12.15
N GLU A 213 16.80 -30.29 13.14
CA GLU A 213 16.43 -30.89 14.42
C GLU A 213 14.94 -31.16 14.51
N CYS A 214 14.58 -32.43 14.50
CA CYS A 214 13.19 -32.85 14.58
C CYS A 214 12.97 -33.77 15.78
N GLU B 1 -24.63 13.66 -13.84
CA GLU B 1 -23.62 14.32 -12.97
C GLU B 1 -22.23 14.29 -13.58
N VAL B 2 -21.34 15.10 -13.04
CA VAL B 2 -19.96 15.19 -13.53
C VAL B 2 -19.23 13.86 -13.36
N GLN B 3 -18.61 13.39 -14.43
CA GLN B 3 -17.86 12.13 -14.38
C GLN B 3 -16.62 12.19 -15.27
N LEU B 4 -15.54 11.59 -14.79
CA LEU B 4 -14.28 11.52 -15.52
C LEU B 4 -13.91 10.05 -15.57
N GLN B 5 -13.97 9.46 -16.77
CA GLN B 5 -13.66 8.04 -16.95
C GLN B 5 -12.29 7.84 -17.58
N GLN B 6 -11.39 7.19 -16.84
CA GLN B 6 -10.04 6.95 -17.33
C GLN B 6 -9.85 5.54 -17.92
N SER B 7 -8.87 5.43 -18.81
CA SER B 7 -8.56 4.16 -19.47
C SER B 7 -7.89 3.16 -18.53
N GLY B 8 -7.88 1.90 -18.95
CA GLY B 8 -7.32 0.81 -18.15
C GLY B 8 -5.83 0.83 -17.86
N PRO B 9 -5.36 -0.10 -17.02
CA PRO B 9 -3.96 -0.22 -16.64
C PRO B 9 -3.05 -0.62 -17.80
N VAL B 10 -1.79 -0.20 -17.72
CA VAL B 10 -0.82 -0.52 -18.76
C VAL B 10 0.48 -1.03 -18.14
N LEU B 11 1.12 -1.96 -18.82
CA LEU B 11 2.37 -2.54 -18.34
C LEU B 11 3.34 -2.50 -19.52
N VAL B 12 4.42 -1.74 -19.37
CA VAL B 12 5.41 -1.62 -20.45
C VAL B 12 6.83 -1.68 -19.92
N LYS B 13 7.78 -1.70 -20.84
CA LYS B 13 9.19 -1.77 -20.47
C LYS B 13 9.86 -0.41 -20.53
N PRO B 14 11.03 -0.28 -19.88
CA PRO B 14 11.76 0.99 -19.87
C PRO B 14 11.98 1.48 -21.30
N GLY B 15 11.88 2.79 -21.48
CA GLY B 15 12.06 3.37 -22.80
C GLY B 15 10.78 3.48 -23.61
N ALA B 16 9.72 2.82 -23.16
CA ALA B 16 8.46 2.88 -23.90
C ALA B 16 7.72 4.18 -23.66
N SER B 17 6.57 4.30 -24.31
CA SER B 17 5.70 5.47 -24.16
C SER B 17 4.31 4.90 -23.94
N VAL B 18 3.44 5.70 -23.35
CA VAL B 18 2.07 5.28 -23.09
C VAL B 18 1.15 6.49 -23.21
N LYS B 19 -0.05 6.25 -23.71
CA LYS B 19 -1.04 7.32 -23.87
C LYS B 19 -2.31 6.85 -23.18
N MET B 20 -2.79 7.63 -22.22
CA MET B 20 -3.99 7.28 -21.48
C MET B 20 -5.08 8.33 -21.73
N SER B 21 -6.32 7.96 -21.48
CA SER B 21 -7.43 8.87 -21.71
C SER B 21 -8.24 9.17 -20.47
N CYS B 22 -8.99 10.27 -20.55
CA CYS B 22 -9.85 10.73 -19.48
C CYS B 22 -11.08 11.34 -20.16
N LYS B 23 -12.14 10.54 -20.24
CA LYS B 23 -13.39 10.94 -20.88
C LYS B 23 -14.29 11.71 -19.92
N ALA B 24 -14.61 12.95 -20.28
CA ALA B 24 -15.46 13.79 -19.45
C ALA B 24 -16.92 13.72 -19.92
N SER B 25 -17.83 13.79 -18.97
CA SER B 25 -19.25 13.76 -19.28
C SER B 25 -20.01 14.40 -18.13
N GLY B 26 -21.23 14.86 -18.40
CA GLY B 26 -22.02 15.48 -17.36
C GLY B 26 -21.88 16.98 -17.31
N TYR B 27 -21.08 17.53 -18.23
CA TYR B 27 -20.87 18.98 -18.29
C TYR B 27 -20.25 19.36 -19.61
N THR B 28 -20.10 20.67 -19.84
CA THR B 28 -19.52 21.17 -21.07
C THR B 28 -17.99 21.14 -20.95
N PHE B 29 -17.40 20.13 -21.57
CA PHE B 29 -15.97 19.88 -21.57
C PHE B 29 -15.07 21.13 -21.56
N THR B 30 -15.31 22.04 -22.49
CA THR B 30 -14.49 23.25 -22.59
C THR B 30 -14.70 24.29 -21.49
N ASP B 31 -15.62 24.03 -20.57
CA ASP B 31 -15.88 24.98 -19.48
C ASP B 31 -14.85 24.97 -18.36
N TYR B 32 -14.05 23.90 -18.27
CA TYR B 32 -13.05 23.79 -17.20
C TYR B 32 -11.72 23.20 -17.64
N TYR B 33 -10.67 23.50 -16.90
CA TYR B 33 -9.36 22.97 -17.20
C TYR B 33 -9.31 21.52 -16.71
N VAL B 34 -8.39 20.74 -17.27
CA VAL B 34 -8.23 19.37 -16.82
C VAL B 34 -6.82 19.23 -16.27
N ASN B 35 -6.74 18.86 -15.00
CA ASN B 35 -5.48 18.69 -14.29
C ASN B 35 -5.12 17.21 -14.21
N TRP B 36 -3.83 16.93 -14.09
CA TRP B 36 -3.35 15.56 -13.96
C TRP B 36 -2.47 15.44 -12.73
N VAL B 37 -2.61 14.33 -12.01
CA VAL B 37 -1.87 14.10 -10.79
C VAL B 37 -1.29 12.69 -10.74
N LYS B 38 -0.07 12.57 -10.23
CA LYS B 38 0.61 11.27 -10.11
C LYS B 38 0.67 10.82 -8.66
N GLN B 39 0.37 9.55 -8.41
CA GLN B 39 0.44 9.01 -7.05
C GLN B 39 1.27 7.73 -7.07
N SER B 40 2.46 7.80 -6.48
CA SER B 40 3.38 6.66 -6.46
C SER B 40 3.23 5.78 -5.23
N ARG B 41 3.32 4.47 -5.47
CA ARG B 41 3.22 3.44 -4.43
C ARG B 41 2.88 3.89 -3.02
N GLY B 42 3.85 4.50 -2.34
CA GLY B 42 3.64 4.97 -0.98
C GLY B 42 2.52 5.98 -0.81
N LYS B 43 1.81 6.25 -1.90
CA LYS B 43 0.68 7.18 -1.91
C LYS B 43 1.13 8.65 -1.97
N SER B 44 2.29 8.89 -2.57
CA SER B 44 2.85 10.24 -2.71
C SER B 44 2.19 10.95 -3.91
N LEU B 45 1.45 12.02 -3.63
CA LEU B 45 0.75 12.78 -4.67
C LEU B 45 1.57 13.95 -5.24
N GLU B 46 1.65 14.02 -6.56
CA GLU B 46 2.39 15.07 -7.26
C GLU B 46 1.59 15.63 -8.44
N TRP B 47 1.59 16.95 -8.59
CA TRP B 47 0.88 17.58 -9.70
C TRP B 47 1.73 17.47 -10.97
N LEU B 48 1.12 17.03 -12.06
CA LEU B 48 1.84 16.89 -13.31
C LEU B 48 1.68 18.10 -14.23
N GLY B 49 0.43 18.55 -14.38
CA GLY B 49 0.17 19.70 -15.22
C GLY B 49 -1.31 19.84 -15.52
N LEU B 50 -1.65 20.79 -16.37
CA LEU B 50 -3.05 21.01 -16.74
C LEU B 50 -3.15 21.46 -18.18
N ILE B 51 -4.33 21.27 -18.76
CA ILE B 51 -4.57 21.68 -20.13
C ILE B 51 -5.88 22.44 -20.21
N ILE B 52 -5.91 23.46 -21.06
CA ILE B 52 -7.10 24.28 -21.25
C ILE B 52 -7.76 23.76 -22.53
N PRO B 53 -8.84 22.97 -22.40
CA PRO B 53 -9.59 22.39 -23.52
C PRO B 53 -9.90 23.30 -24.71
N SER B 54 -10.38 24.51 -24.42
CA SER B 54 -10.74 25.44 -25.49
C SER B 54 -9.58 25.79 -26.43
N ASN B 55 -8.41 26.07 -25.87
CA ASN B 55 -7.25 26.45 -26.68
C ASN B 55 -6.22 25.33 -26.80
N GLY B 56 -6.17 24.46 -25.80
CA GLY B 56 -5.21 23.38 -25.81
C GLY B 56 -3.96 23.83 -25.08
N GLY B 57 -4.02 25.05 -24.55
CA GLY B 57 -2.89 25.59 -23.81
C GLY B 57 -2.53 24.67 -22.67
N THR B 58 -1.24 24.54 -22.39
CA THR B 58 -0.79 23.67 -21.32
C THR B 58 0.18 24.32 -20.34
N THR B 59 0.17 23.81 -19.12
CA THR B 59 1.05 24.27 -18.05
C THR B 59 1.53 22.99 -17.36
N TYR B 60 2.84 22.81 -17.29
CA TYR B 60 3.40 21.62 -16.67
C TYR B 60 4.22 21.91 -15.42
N ASN B 61 4.35 20.87 -14.59
CA ASN B 61 5.17 20.94 -13.39
C ASN B 61 6.55 20.81 -14.04
N GLN B 62 7.47 21.72 -13.74
CA GLN B 62 8.79 21.67 -14.34
C GLN B 62 9.37 20.26 -14.30
N LYS B 63 9.11 19.56 -13.19
CA LYS B 63 9.60 18.19 -13.00
C LYS B 63 9.19 17.23 -14.09
N PHE B 64 8.04 17.48 -14.70
CA PHE B 64 7.54 16.58 -15.74
C PHE B 64 7.55 17.15 -17.15
N ARG B 65 8.30 18.24 -17.32
CA ARG B 65 8.46 18.89 -18.64
C ARG B 65 9.22 17.92 -19.54
N GLY B 66 8.65 17.56 -20.67
CA GLY B 66 9.32 16.65 -21.59
C GLY B 66 9.03 15.20 -21.30
N LYS B 67 8.43 14.90 -20.14
CA LYS B 67 8.11 13.51 -19.84
C LYS B 67 6.63 13.28 -20.12
N ALA B 68 5.81 14.29 -19.83
CA ALA B 68 4.38 14.17 -20.06
C ALA B 68 3.91 15.18 -21.09
N THR B 69 2.97 14.77 -21.93
CA THR B 69 2.40 15.63 -22.96
C THR B 69 0.88 15.54 -22.83
N LEU B 70 0.24 16.68 -22.59
CA LEU B 70 -1.20 16.74 -22.46
C LEU B 70 -1.86 17.22 -23.73
N THR B 71 -2.97 16.59 -24.10
CA THR B 71 -3.72 16.96 -25.31
C THR B 71 -5.21 16.72 -25.06
N VAL B 72 -6.04 17.24 -25.95
CA VAL B 72 -7.48 17.06 -25.83
C VAL B 72 -8.13 16.87 -27.19
N ASP B 73 -9.31 16.25 -27.17
CA ASP B 73 -10.12 16.02 -28.36
C ASP B 73 -11.48 16.59 -27.98
N LYS B 74 -11.72 17.84 -28.32
CA LYS B 74 -12.99 18.48 -28.00
C LYS B 74 -14.16 17.69 -28.56
N SER B 75 -13.95 17.10 -29.73
CA SER B 75 -14.98 16.31 -30.40
C SER B 75 -15.56 15.21 -29.51
N SER B 76 -14.68 14.54 -28.76
CA SER B 76 -15.12 13.45 -27.89
C SER B 76 -15.05 13.77 -26.41
N SER B 77 -14.87 15.06 -26.09
CA SER B 77 -14.78 15.50 -24.69
C SER B 77 -13.83 14.61 -23.92
N THR B 78 -12.65 14.38 -24.48
CA THR B 78 -11.65 13.53 -23.86
C THR B 78 -10.29 14.21 -23.76
N ALA B 79 -9.65 14.03 -22.61
CA ALA B 79 -8.32 14.59 -22.38
C ALA B 79 -7.36 13.42 -22.39
N TYR B 80 -6.17 13.64 -22.93
CA TYR B 80 -5.16 12.58 -23.00
C TYR B 80 -3.86 13.05 -22.37
N MET B 81 -3.08 12.09 -21.89
CA MET B 81 -1.78 12.37 -21.32
C MET B 81 -0.85 11.28 -21.85
N GLU B 82 0.28 11.70 -22.40
CA GLU B 82 1.24 10.75 -22.95
C GLU B 82 2.56 10.87 -22.19
N LEU B 83 3.11 9.72 -21.79
CA LEU B 83 4.39 9.70 -21.08
C LEU B 83 5.41 9.02 -22.00
N ASN B 84 6.62 9.54 -22.04
CA ASN B 84 7.66 8.95 -22.89
C ASN B 84 8.90 8.58 -22.09
N SER B 85 9.84 7.90 -22.75
CA SER B 85 11.10 7.52 -22.13
C SER B 85 10.86 6.99 -20.72
N LEU B 86 9.85 6.14 -20.59
CA LEU B 86 9.48 5.58 -19.29
C LEU B 86 10.58 4.82 -18.57
N THR B 87 10.53 4.89 -17.25
CA THR B 87 11.48 4.19 -16.37
C THR B 87 10.62 3.71 -15.21
N SER B 88 11.18 2.84 -14.37
CA SER B 88 10.44 2.33 -13.23
C SER B 88 9.95 3.46 -12.34
N GLU B 89 10.66 4.58 -12.35
CA GLU B 89 10.28 5.73 -11.53
C GLU B 89 8.94 6.30 -11.96
N ASP B 90 8.50 5.98 -13.17
CA ASP B 90 7.24 6.48 -13.68
C ASP B 90 6.06 5.59 -13.30
N SER B 91 6.34 4.44 -12.70
CA SER B 91 5.27 3.53 -12.28
C SER B 91 4.46 4.27 -11.21
N ALA B 92 3.16 4.32 -11.39
CA ALA B 92 2.29 5.01 -10.44
C ALA B 92 0.87 5.02 -10.97
N VAL B 93 -0.05 5.57 -10.18
CA VAL B 93 -1.42 5.71 -10.64
C VAL B 93 -1.55 7.15 -11.07
N TYR B 94 -2.10 7.39 -12.26
CA TYR B 94 -2.26 8.75 -12.77
C TYR B 94 -3.73 9.14 -12.81
N TYR B 95 -4.05 10.29 -12.23
CA TYR B 95 -5.43 10.79 -12.17
C TYR B 95 -5.65 12.05 -12.98
N CYS B 96 -6.87 12.23 -13.46
CA CYS B 96 -7.22 13.47 -14.14
C CYS B 96 -8.25 14.07 -13.18
N ALA B 97 -8.32 15.39 -13.13
CA ALA B 97 -9.25 16.04 -12.23
C ALA B 97 -9.75 17.37 -12.78
N ARG B 98 -10.84 17.87 -12.18
CA ARG B 98 -11.45 19.12 -12.60
C ARG B 98 -11.89 19.89 -11.35
N ARG B 99 -11.92 21.22 -11.43
CA ARG B 99 -12.33 22.05 -10.28
C ARG B 99 -13.86 22.15 -10.21
N GLY B 100 -14.37 22.66 -9.09
CA GLY B 100 -15.80 22.81 -8.89
C GLY B 100 -16.17 24.18 -8.32
N LEU B 101 -17.46 24.40 -8.06
CA LEU B 101 -17.97 25.66 -7.53
C LEU B 101 -17.20 26.81 -8.20
N THR B 102 -16.54 27.62 -7.38
CA THR B 102 -15.69 28.72 -7.87
C THR B 102 -14.37 28.55 -7.11
N GLY B 103 -13.29 28.31 -7.83
CA GLY B 103 -12.00 28.15 -7.18
C GLY B 103 -11.80 26.88 -6.35
N ALA B 104 -12.77 25.97 -6.38
CA ALA B 104 -12.65 24.72 -5.62
C ALA B 104 -11.93 23.68 -6.48
N LEU B 105 -10.61 23.81 -6.54
CA LEU B 105 -9.78 22.92 -7.36
C LEU B 105 -9.80 21.46 -6.91
N PHE B 106 -9.68 20.56 -7.88
CA PHE B 106 -9.65 19.12 -7.63
C PHE B 106 -10.90 18.63 -6.90
N ALA B 107 -12.05 19.11 -7.36
CA ALA B 107 -13.34 18.73 -6.79
C ALA B 107 -13.84 17.43 -7.41
N TYR B 108 -13.39 17.13 -8.62
CA TYR B 108 -13.80 15.92 -9.32
C TYR B 108 -12.56 15.17 -9.79
N TRP B 109 -12.54 13.85 -9.55
CA TRP B 109 -11.40 13.01 -9.95
C TRP B 109 -11.80 11.80 -10.78
N GLY B 110 -10.92 11.38 -11.68
CA GLY B 110 -11.17 10.19 -12.47
C GLY B 110 -10.80 9.05 -11.54
N GLN B 111 -10.99 7.79 -11.94
CA GLN B 111 -10.66 6.68 -11.06
C GLN B 111 -9.19 6.30 -11.10
N GLY B 112 -8.43 6.98 -11.96
CA GLY B 112 -7.01 6.71 -12.06
C GLY B 112 -6.63 5.60 -13.02
N THR B 113 -5.43 5.71 -13.59
CA THR B 113 -4.89 4.72 -14.52
C THR B 113 -3.55 4.23 -14.00
N LEU B 114 -3.45 2.93 -13.74
CA LEU B 114 -2.22 2.34 -13.25
C LEU B 114 -1.21 2.11 -14.37
N VAL B 115 0.01 2.61 -14.17
CA VAL B 115 1.08 2.45 -15.15
C VAL B 115 2.24 1.74 -14.46
N THR B 116 2.64 0.61 -15.01
CA THR B 116 3.74 -0.16 -14.46
C THR B 116 4.84 -0.28 -15.51
N VAL B 117 6.06 0.11 -15.13
CA VAL B 117 7.21 0.07 -16.03
C VAL B 117 8.26 -0.88 -15.45
N SER B 118 8.61 -1.90 -16.21
CA SER B 118 9.59 -2.88 -15.73
C SER B 118 10.20 -3.64 -16.90
N ALA B 119 11.44 -4.09 -16.72
CA ALA B 119 12.12 -4.85 -17.74
C ALA B 119 11.93 -6.35 -17.50
N ALA B 120 11.25 -6.69 -16.40
CA ALA B 120 11.04 -8.10 -16.06
C ALA B 120 10.21 -8.87 -17.08
N LYS B 121 10.43 -10.18 -17.12
CA LYS B 121 9.70 -11.06 -18.04
C LYS B 121 8.62 -11.76 -17.22
N THR B 122 7.48 -12.05 -17.85
CA THR B 122 6.39 -12.73 -17.15
C THR B 122 6.97 -14.02 -16.57
N THR B 123 6.79 -14.18 -15.25
CA THR B 123 7.30 -15.35 -14.56
C THR B 123 6.28 -15.88 -13.55
N ALA B 124 5.92 -17.15 -13.69
CA ALA B 124 4.96 -17.76 -12.76
C ALA B 124 5.61 -17.90 -11.39
N PRO B 125 4.81 -17.78 -10.32
CA PRO B 125 5.38 -17.89 -8.97
C PRO B 125 5.76 -19.30 -8.53
N SER B 126 6.74 -19.36 -7.64
CA SER B 126 7.14 -20.63 -7.04
C SER B 126 6.34 -20.55 -5.75
N VAL B 127 5.53 -21.57 -5.48
CA VAL B 127 4.70 -21.57 -4.28
C VAL B 127 5.19 -22.60 -3.28
N TYR B 128 5.56 -22.13 -2.09
CA TYR B 128 6.09 -23.00 -1.05
C TYR B 128 5.24 -23.10 0.21
N PRO B 129 4.79 -24.32 0.56
CA PRO B 129 3.98 -24.52 1.76
C PRO B 129 4.90 -24.45 2.99
N LEU B 130 4.46 -23.73 4.01
CA LEU B 130 5.26 -23.60 5.21
C LEU B 130 4.57 -24.23 6.42
N ALA B 131 5.02 -25.42 6.80
CA ALA B 131 4.45 -26.11 7.95
C ALA B 131 5.20 -25.63 9.20
N PRO B 132 4.63 -25.87 10.38
CA PRO B 132 5.25 -25.45 11.65
C PRO B 132 6.61 -26.10 11.87
N VAL B 133 7.38 -25.57 12.82
CA VAL B 133 8.68 -26.12 13.13
C VAL B 133 8.54 -27.58 13.54
N CYS B 134 9.53 -28.37 13.14
CA CYS B 134 9.59 -29.80 13.40
C CYS B 134 9.46 -30.13 14.89
N GLY B 135 10.01 -29.25 15.72
CA GLY B 135 9.98 -29.46 17.15
C GLY B 135 8.59 -29.57 17.76
N ASP B 136 7.74 -28.58 17.48
CA ASP B 136 6.38 -28.54 18.02
C ASP B 136 5.94 -27.11 18.25
N THR B 137 4.65 -26.93 18.45
CA THR B 137 4.07 -25.62 18.74
C THR B 137 3.20 -25.82 19.97
N THR B 138 2.83 -24.73 20.64
CA THR B 138 2.02 -24.82 21.84
C THR B 138 0.57 -24.39 21.57
N GLY B 139 -0.31 -24.63 22.53
CA GLY B 139 -1.71 -24.23 22.39
C GLY B 139 -2.50 -25.07 21.39
N SER B 140 -3.80 -24.78 21.29
CA SER B 140 -4.68 -25.50 20.37
C SER B 140 -4.79 -24.82 19.01
N SER B 141 -4.22 -23.61 18.90
CA SER B 141 -4.22 -22.89 17.64
C SER B 141 -2.84 -23.00 17.02
N VAL B 142 -2.77 -22.99 15.70
CA VAL B 142 -1.50 -23.08 15.01
C VAL B 142 -1.55 -22.22 13.77
N THR B 143 -0.40 -21.66 13.40
CA THR B 143 -0.33 -20.81 12.22
C THR B 143 0.50 -21.52 11.16
N LEU B 144 -0.01 -21.49 9.94
CA LEU B 144 0.68 -22.12 8.80
C LEU B 144 0.99 -21.03 7.79
N GLY B 145 1.95 -21.28 6.91
CA GLY B 145 2.31 -20.27 5.93
C GLY B 145 2.41 -20.74 4.50
N CYS B 146 2.49 -19.76 3.59
CA CYS B 146 2.62 -20.02 2.18
C CYS B 146 3.46 -18.90 1.59
N LEU B 147 4.60 -19.25 0.99
CA LEU B 147 5.48 -18.27 0.40
C LEU B 147 5.37 -18.33 -1.12
N VAL B 148 5.03 -17.19 -1.73
CA VAL B 148 4.86 -17.07 -3.17
C VAL B 148 6.03 -16.21 -3.63
N LYS B 149 7.00 -16.83 -4.28
CA LYS B 149 8.19 -16.12 -4.68
C LYS B 149 8.60 -16.11 -6.16
N GLY B 150 9.26 -15.01 -6.54
CA GLY B 150 9.77 -14.84 -7.88
C GLY B 150 8.80 -14.72 -9.03
N TYR B 151 7.71 -13.98 -8.85
CA TYR B 151 6.76 -13.84 -9.94
C TYR B 151 6.71 -12.42 -10.51
N PHE B 152 6.10 -12.30 -11.69
CA PHE B 152 5.93 -11.03 -12.37
C PHE B 152 4.97 -11.26 -13.53
N PRO B 153 4.02 -10.36 -13.74
CA PRO B 153 3.78 -9.14 -12.94
C PRO B 153 2.75 -9.40 -11.85
N GLU B 154 2.38 -8.34 -11.16
CA GLU B 154 1.35 -8.44 -10.13
C GLU B 154 0.07 -8.46 -10.96
N PRO B 155 -1.03 -9.00 -10.42
CA PRO B 155 -1.11 -9.58 -9.08
C PRO B 155 -1.26 -11.09 -9.14
N VAL B 156 -1.37 -11.68 -7.95
CA VAL B 156 -1.61 -13.11 -7.81
C VAL B 156 -2.81 -13.13 -6.88
N THR B 157 -3.56 -14.23 -6.90
CA THR B 157 -4.71 -14.37 -6.02
C THR B 157 -4.41 -15.59 -5.18
N LEU B 158 -4.16 -15.37 -3.89
CA LEU B 158 -3.88 -16.48 -2.99
C LEU B 158 -5.09 -16.73 -2.11
N THR B 159 -5.41 -18.01 -1.95
CA THR B 159 -6.53 -18.42 -1.13
C THR B 159 -6.09 -19.62 -0.31
N TRP B 160 -6.84 -19.90 0.76
CA TRP B 160 -6.56 -21.06 1.60
C TRP B 160 -7.78 -21.96 1.47
N ASN B 161 -7.54 -23.23 1.14
CA ASN B 161 -8.61 -24.21 0.93
C ASN B 161 -9.63 -23.64 -0.05
N SER B 162 -9.10 -23.08 -1.14
CA SER B 162 -9.92 -22.50 -2.20
C SER B 162 -10.86 -21.42 -1.71
N GLY B 163 -10.46 -20.72 -0.65
CA GLY B 163 -11.28 -19.65 -0.13
C GLY B 163 -12.16 -20.00 1.05
N SER B 164 -12.17 -21.28 1.44
CA SER B 164 -13.00 -21.71 2.56
C SER B 164 -12.47 -21.17 3.90
N LEU B 165 -11.17 -20.85 3.96
CA LEU B 165 -10.61 -20.28 5.18
C LEU B 165 -10.27 -18.81 4.89
N SER B 166 -10.81 -17.89 5.67
CA SER B 166 -10.58 -16.47 5.46
C SER B 166 -10.41 -15.66 6.74
N SER B 167 -11.16 -16.05 7.77
CA SER B 167 -11.15 -15.37 9.05
C SER B 167 -9.80 -15.17 9.73
N GLY B 168 -8.99 -16.21 9.74
CA GLY B 168 -7.69 -16.11 10.39
C GLY B 168 -6.54 -15.96 9.42
N VAL B 169 -6.82 -15.34 8.28
CA VAL B 169 -5.82 -15.15 7.23
C VAL B 169 -5.19 -13.76 7.14
N HIS B 170 -3.89 -13.74 6.90
CA HIS B 170 -3.17 -12.50 6.72
C HIS B 170 -2.31 -12.65 5.48
N THR B 171 -2.66 -11.95 4.41
CA THR B 171 -1.90 -11.99 3.18
C THR B 171 -1.21 -10.64 3.08
N PHE B 172 0.12 -10.68 3.10
CA PHE B 172 0.93 -9.46 3.08
C PHE B 172 1.23 -8.88 1.72
N PRO B 173 1.42 -7.54 1.67
CA PRO B 173 1.73 -6.85 0.42
C PRO B 173 2.99 -7.44 -0.17
N ALA B 174 3.01 -7.61 -1.49
CA ALA B 174 4.15 -8.18 -2.17
C ALA B 174 5.34 -7.20 -2.18
N LEU B 175 6.55 -7.76 -2.19
CA LEU B 175 7.75 -6.94 -2.22
C LEU B 175 8.50 -7.20 -3.51
N LEU B 176 8.97 -6.13 -4.15
CA LEU B 176 9.70 -6.24 -5.41
C LEU B 176 11.19 -6.32 -5.14
N GLN B 177 11.82 -7.35 -5.69
CA GLN B 177 13.26 -7.58 -5.53
C GLN B 177 13.85 -8.11 -6.83
N SER B 178 14.84 -7.41 -7.37
CA SER B 178 15.47 -7.83 -8.61
C SER B 178 14.44 -8.01 -9.71
N ASP B 179 13.48 -7.09 -9.77
CA ASP B 179 12.43 -7.10 -10.77
C ASP B 179 11.34 -8.16 -10.56
N LEU B 180 11.48 -8.99 -9.52
CA LEU B 180 10.47 -10.02 -9.25
C LEU B 180 9.77 -9.82 -7.90
N TYR B 181 8.50 -10.21 -7.83
CA TYR B 181 7.71 -10.06 -6.62
C TYR B 181 7.67 -11.30 -5.74
N THR B 182 7.52 -11.05 -4.44
CA THR B 182 7.42 -12.12 -3.45
C THR B 182 6.42 -11.66 -2.39
N LEU B 183 5.58 -12.59 -1.95
CA LEU B 183 4.61 -12.26 -0.90
C LEU B 183 4.44 -13.51 -0.07
N SER B 184 3.86 -13.33 1.11
CA SER B 184 3.62 -14.44 2.00
C SER B 184 2.22 -14.30 2.59
N SER B 185 1.67 -15.40 3.06
CA SER B 185 0.35 -15.39 3.67
C SER B 185 0.36 -16.39 4.79
N SER B 186 -0.34 -16.08 5.87
CA SER B 186 -0.41 -16.99 7.00
C SER B 186 -1.87 -17.27 7.29
N VAL B 187 -2.15 -18.43 7.86
CA VAL B 187 -3.51 -18.79 8.23
C VAL B 187 -3.39 -19.42 9.60
N THR B 188 -4.29 -19.03 10.50
CA THR B 188 -4.29 -19.54 11.85
C THR B 188 -5.57 -20.33 12.07
N VAL B 189 -5.44 -21.60 12.43
CA VAL B 189 -6.61 -22.43 12.69
C VAL B 189 -6.67 -22.83 14.14
N THR B 190 -7.88 -23.19 14.56
CA THR B 190 -8.17 -23.52 15.94
C THR B 190 -8.57 -24.95 16.26
N SER B 191 -8.62 -25.23 17.56
CA SER B 191 -9.04 -26.51 18.11
C SER B 191 -8.27 -27.75 17.67
N SER B 192 -6.95 -27.63 17.54
CA SER B 192 -6.11 -28.75 17.13
C SER B 192 -6.71 -29.48 15.93
N THR B 193 -7.09 -28.70 14.91
CA THR B 193 -7.70 -29.27 13.71
C THR B 193 -6.73 -29.43 12.55
N TRP B 194 -5.44 -29.27 12.82
CA TRP B 194 -4.42 -29.45 11.80
C TRP B 194 -3.35 -30.30 12.47
N PRO B 195 -2.79 -31.29 11.76
CA PRO B 195 -3.07 -31.69 10.37
C PRO B 195 -4.28 -32.59 10.11
N SER B 196 -5.14 -32.81 11.10
CA SER B 196 -6.30 -33.68 10.89
C SER B 196 -7.26 -33.20 9.81
N GLN B 197 -7.51 -31.89 9.77
CA GLN B 197 -8.40 -31.32 8.77
C GLN B 197 -7.52 -30.50 7.81
N SER B 198 -7.23 -31.12 6.67
CA SER B 198 -6.35 -30.55 5.65
C SER B 198 -6.48 -29.08 5.30
N ILE B 199 -5.33 -28.46 5.05
CA ILE B 199 -5.24 -27.07 4.67
C ILE B 199 -4.30 -26.98 3.47
N THR B 200 -4.77 -26.30 2.43
CA THR B 200 -3.99 -26.14 1.21
C THR B 200 -3.94 -24.68 0.76
N CYS B 201 -2.77 -24.27 0.27
CA CYS B 201 -2.60 -22.91 -0.21
C CYS B 201 -2.78 -22.95 -1.73
N ASN B 202 -3.62 -22.08 -2.27
CA ASN B 202 -3.85 -22.03 -3.72
C ASN B 202 -3.40 -20.67 -4.23
N VAL B 203 -2.71 -20.67 -5.35
CA VAL B 203 -2.22 -19.43 -5.92
C VAL B 203 -2.45 -19.36 -7.41
N ALA B 204 -3.18 -18.34 -7.83
CA ALA B 204 -3.48 -18.11 -9.23
C ALA B 204 -2.68 -16.89 -9.69
N HIS B 205 -2.09 -16.99 -10.88
CA HIS B 205 -1.33 -15.90 -11.46
C HIS B 205 -1.83 -15.82 -12.90
N PRO B 206 -2.85 -15.00 -13.16
CA PRO B 206 -3.40 -14.87 -14.51
C PRO B 206 -2.43 -14.52 -15.63
N ALA B 207 -1.42 -13.70 -15.33
CA ALA B 207 -0.45 -13.30 -16.35
C ALA B 207 0.28 -14.50 -16.94
N SER B 208 0.49 -15.55 -16.14
CA SER B 208 1.16 -16.76 -16.62
C SER B 208 0.19 -17.92 -16.83
N SER B 209 -1.11 -17.65 -16.69
CA SER B 209 -2.14 -18.67 -16.87
C SER B 209 -1.87 -19.89 -16.00
N THR B 210 -1.47 -19.65 -14.76
CA THR B 210 -1.17 -20.74 -13.84
C THR B 210 -2.03 -20.70 -12.59
N LYS B 211 -2.24 -21.89 -12.03
CA LYS B 211 -3.02 -22.07 -10.80
C LYS B 211 -2.37 -23.26 -10.15
N VAL B 212 -1.78 -23.05 -8.98
CA VAL B 212 -1.11 -24.12 -8.26
C VAL B 212 -1.66 -24.31 -6.85
N ASP B 213 -1.57 -25.54 -6.37
CA ASP B 213 -2.04 -25.90 -5.04
C ASP B 213 -0.89 -26.53 -4.27
N LYS B 214 -0.72 -26.13 -3.02
CA LYS B 214 0.31 -26.69 -2.16
C LYS B 214 -0.31 -27.03 -0.82
N LYS B 215 -0.43 -28.31 -0.54
CA LYS B 215 -1.00 -28.77 0.72
C LYS B 215 0.05 -28.56 1.81
N ILE B 216 -0.38 -28.12 2.98
CA ILE B 216 0.57 -27.93 4.06
C ILE B 216 0.66 -29.27 4.79
N VAL B 217 1.86 -29.81 4.90
CA VAL B 217 2.03 -31.09 5.57
C VAL B 217 3.11 -31.02 6.63
N PRO B 218 2.92 -31.77 7.74
CA PRO B 218 3.94 -31.73 8.79
C PRO B 218 5.30 -32.09 8.21
N ARG B 219 6.35 -31.47 8.74
CA ARG B 219 7.70 -31.72 8.26
C ARG B 219 8.15 -33.10 8.74
N VAL B 220 8.70 -33.89 7.83
CA VAL B 220 9.17 -35.23 8.18
C VAL B 220 10.59 -35.46 7.64
#